data_1M03
#
_entry.id   1M03
#
_cell.length_a   132.903
_cell.length_b   132.903
_cell.length_c   176.944
_cell.angle_alpha   90.00
_cell.angle_beta   90.00
_cell.angle_gamma   120.00
#
_symmetry.space_group_name_H-M   'P 61 2 2'
#
loop_
_entity.id
_entity.type
_entity.pdbx_description
1 polymer Beta-N-acetylhexosaminidase
2 non-polymer 2-acetamido-2-deoxy-beta-D-glucopyranose
3 non-polymer 'CHLORIDE ION'
4 non-polymer 'SULFATE ION'
5 non-polymer GLYCEROL
6 water water
#
_entity_poly.entity_id   1
_entity_poly.type   'polypeptide(L)'
_entity_poly.pdbx_seq_one_letter_code
;MHHHHHHHTGAAPDRKAPVRPTPLDRVIPAPASVDPGGAPYRITRGTHIRVDDSREARRVGDYLADLLRPATGYRLPVTA
HGHGGIRLRLAGGPYGDEGYRLDSGPAGVTITARKAAGLFHGVQTLRQLLPPAVEKDSAQPGPWLVAGGTIEDTPRYAWR
SAMLDVSRHFFGVDEVKRYIDRVARYKYNKLHLHLSDDQGWRIAIDSWPRLATYGGSTEVGGGPGGYYTKAEYKEIVRYA
ASRHLEVVPEIDMPGHTNAALASYAELNCDGVAPPLYTGTKVGFSSLCVDKDVTYDFVDDVIGELAALTPGRYLHIGGAE
AHSTPKADFVAFMKRVQPIVAKYGKTVVGWHQLAGAEPVEGALVQYWGLDRTGDAEKAEVAEAARNGTGLILSPADRTYL
DMKYTKDTPLGLSWAGYVEVQRSYDWDPAGYLPGAPADAVRGVEAPLWTETLSDPDQLDYMAFPRLPGVAELGWSPASTH
DWDTYKVRLAAQAPYWEAAGIDFYRSPQVPWT
;
_entity_poly.pdbx_strand_id   A
#
loop_
_chem_comp.id
_chem_comp.type
_chem_comp.name
_chem_comp.formula
CL non-polymer 'CHLORIDE ION' 'Cl -1'
GOL non-polymer GLYCEROL 'C3 H8 O3'
NAG D-saccharide, beta linking 2-acetamido-2-deoxy-beta-D-glucopyranose 'C8 H15 N O6'
SO4 non-polymer 'SULFATE ION' 'O4 S -2'
#
# COMPACT_ATOMS: atom_id res chain seq x y z
N ASP A 14 5.54 -22.42 -24.01
CA ASP A 14 5.63 -20.98 -24.43
C ASP A 14 5.21 -20.06 -23.28
N ARG A 15 5.61 -20.42 -22.06
CA ARG A 15 5.28 -19.65 -20.86
C ARG A 15 5.74 -18.20 -20.93
N LYS A 16 7.02 -18.01 -21.24
CA LYS A 16 7.63 -16.69 -21.32
C LYS A 16 7.11 -15.81 -22.45
N ALA A 17 6.85 -16.43 -23.61
CA ALA A 17 6.36 -15.69 -24.76
C ALA A 17 5.27 -16.50 -25.47
N PRO A 18 4.02 -16.40 -24.98
CA PRO A 18 2.88 -17.11 -25.54
C PRO A 18 2.65 -16.81 -27.02
N VAL A 19 2.12 -17.79 -27.75
CA VAL A 19 1.83 -17.64 -29.17
C VAL A 19 0.67 -16.66 -29.34
N ARG A 20 -0.32 -16.77 -28.46
CA ARG A 20 -1.49 -15.92 -28.50
C ARG A 20 -1.54 -15.00 -27.27
N PRO A 21 -2.30 -13.90 -27.35
CA PRO A 21 -2.39 -12.95 -26.23
C PRO A 21 -3.19 -13.51 -25.05
N THR A 22 -2.83 -13.11 -23.85
CA THR A 22 -3.55 -13.57 -22.67
C THR A 22 -4.94 -12.96 -22.74
N PRO A 23 -5.95 -13.66 -22.21
CA PRO A 23 -7.34 -13.19 -22.22
C PRO A 23 -7.47 -11.77 -21.67
N LEU A 24 -8.35 -10.99 -22.29
CA LEU A 24 -8.57 -9.61 -21.87
C LEU A 24 -9.00 -9.48 -20.42
N ASP A 25 -9.62 -10.52 -19.87
CA ASP A 25 -10.11 -10.50 -18.50
C ASP A 25 -9.10 -11.02 -17.48
N ARG A 26 -7.99 -11.58 -17.97
CA ARG A 26 -6.99 -12.15 -17.07
C ARG A 26 -6.05 -11.12 -16.45
N VAL A 27 -6.59 -10.26 -15.59
CA VAL A 27 -5.80 -9.23 -14.92
C VAL A 27 -6.26 -9.08 -13.48
N ILE A 28 -5.38 -8.54 -12.64
CA ILE A 28 -5.69 -8.33 -11.23
C ILE A 28 -5.34 -6.89 -10.89
N PRO A 29 -6.28 -6.14 -10.29
CA PRO A 29 -7.64 -6.53 -9.90
C PRO A 29 -8.55 -6.84 -11.09
N ALA A 30 -9.56 -7.67 -10.88
CA ALA A 30 -10.50 -8.00 -11.93
C ALA A 30 -11.18 -6.67 -12.30
N PRO A 31 -11.22 -6.34 -13.60
CA PRO A 31 -11.86 -5.09 -14.03
C PRO A 31 -13.37 -5.15 -13.84
N ALA A 32 -14.00 -3.99 -13.66
CA ALA A 32 -15.44 -3.90 -13.46
C ALA A 32 -16.21 -4.47 -14.65
N SER A 33 -15.71 -4.22 -15.85
CA SER A 33 -16.35 -4.71 -17.06
C SER A 33 -15.32 -5.07 -18.13
N VAL A 34 -15.45 -6.28 -18.69
CA VAL A 34 -14.55 -6.73 -19.74
C VAL A 34 -15.36 -7.24 -20.92
N ASP A 35 -15.12 -6.66 -22.09
CA ASP A 35 -15.84 -7.03 -23.30
C ASP A 35 -14.85 -7.40 -24.41
N PRO A 36 -14.41 -8.67 -24.43
CA PRO A 36 -13.46 -9.11 -25.46
C PRO A 36 -14.10 -9.18 -26.84
N GLY A 37 -13.30 -8.87 -27.87
CA GLY A 37 -13.82 -8.92 -29.22
C GLY A 37 -12.81 -8.46 -30.25
N GLY A 38 -12.93 -9.00 -31.47
CA GLY A 38 -12.03 -8.64 -32.54
C GLY A 38 -10.61 -9.13 -32.39
N ALA A 39 -9.74 -8.62 -33.25
CA ALA A 39 -8.33 -8.99 -33.25
C ALA A 39 -7.57 -8.14 -32.23
N PRO A 40 -6.39 -8.61 -31.82
CA PRO A 40 -5.59 -7.86 -30.85
C PRO A 40 -4.79 -6.74 -31.49
N TYR A 41 -4.12 -5.96 -30.65
CA TYR A 41 -3.25 -4.91 -31.14
C TYR A 41 -1.87 -5.50 -30.96
N ARG A 42 -0.92 -5.05 -31.77
CA ARG A 42 0.44 -5.54 -31.67
C ARG A 42 1.37 -4.35 -31.69
N ILE A 43 2.15 -4.19 -30.62
CA ILE A 43 3.10 -3.09 -30.57
C ILE A 43 4.28 -3.49 -31.45
N THR A 44 4.68 -2.59 -32.36
CA THR A 44 5.82 -2.85 -33.23
C THR A 44 6.85 -1.73 -33.08
N ARG A 45 8.03 -1.92 -33.64
CA ARG A 45 9.12 -0.96 -33.51
C ARG A 45 8.76 0.52 -33.69
N GLY A 46 7.87 0.82 -34.62
CA GLY A 46 7.50 2.22 -34.86
C GLY A 46 6.37 2.79 -34.03
N THR A 47 5.84 2.02 -33.10
CA THR A 47 4.74 2.51 -32.26
C THR A 47 5.08 3.78 -31.47
N HIS A 48 4.20 4.77 -31.56
CA HIS A 48 4.35 6.04 -30.84
C HIS A 48 3.33 6.05 -29.69
N ILE A 49 3.64 6.79 -28.63
CA ILE A 49 2.72 6.92 -27.51
C ILE A 49 2.18 8.35 -27.60
N ARG A 50 0.93 8.47 -28.02
CA ARG A 50 0.29 9.77 -28.16
C ARG A 50 -0.41 10.17 -26.87
N VAL A 51 -0.12 11.38 -26.40
CA VAL A 51 -0.72 11.90 -25.18
C VAL A 51 -1.25 13.30 -25.47
N ASP A 52 -2.01 13.86 -24.52
CA ASP A 52 -2.52 15.20 -24.67
C ASP A 52 -1.38 16.17 -24.42
N ASP A 53 -1.54 17.40 -24.87
CA ASP A 53 -0.50 18.41 -24.69
C ASP A 53 -0.54 19.02 -23.30
N SER A 54 -0.13 18.24 -22.30
CA SER A 54 -0.09 18.71 -20.92
C SER A 54 1.02 17.99 -20.15
N ARG A 55 1.44 18.60 -19.06
CA ARG A 55 2.50 18.04 -18.23
C ARG A 55 2.12 16.68 -17.66
N GLU A 56 0.93 16.59 -17.07
CA GLU A 56 0.48 15.34 -16.47
C GLU A 56 0.26 14.23 -17.49
N ALA A 57 -0.12 14.61 -18.71
CA ALA A 57 -0.35 13.61 -19.76
C ALA A 57 0.98 13.01 -20.17
N ARG A 58 1.96 13.86 -20.46
CA ARG A 58 3.28 13.39 -20.87
C ARG A 58 3.92 12.56 -19.77
N ARG A 59 3.60 12.90 -18.52
CA ARG A 59 4.14 12.20 -17.36
C ARG A 59 3.74 10.72 -17.40
N VAL A 60 2.47 10.45 -17.65
CA VAL A 60 2.01 9.06 -17.71
C VAL A 60 2.57 8.41 -18.97
N GLY A 61 2.69 9.20 -20.04
CA GLY A 61 3.22 8.68 -21.28
C GLY A 61 4.66 8.24 -21.08
N ASP A 62 5.46 9.08 -20.41
CA ASP A 62 6.86 8.75 -20.17
C ASP A 62 6.98 7.53 -19.26
N TYR A 63 6.08 7.43 -18.29
CA TYR A 63 6.07 6.30 -17.37
C TYR A 63 5.88 5.00 -18.15
N LEU A 64 4.92 5.00 -19.06
CA LEU A 64 4.63 3.82 -19.87
C LEU A 64 5.81 3.48 -20.76
N ALA A 65 6.36 4.48 -21.45
CA ALA A 65 7.50 4.26 -22.32
C ALA A 65 8.64 3.60 -21.55
N ASP A 66 8.93 4.12 -20.36
CA ASP A 66 10.00 3.58 -19.52
C ASP A 66 9.78 2.11 -19.17
N LEU A 67 8.52 1.72 -18.94
CA LEU A 67 8.20 0.34 -18.62
C LEU A 67 8.38 -0.60 -19.81
N LEU A 68 8.16 -0.09 -21.02
CA LEU A 68 8.24 -0.91 -22.22
C LEU A 68 9.54 -0.93 -23.02
N ARG A 69 10.30 0.18 -22.98
CA ARG A 69 11.52 0.27 -23.76
C ARG A 69 12.58 -0.84 -23.58
N PRO A 70 12.88 -1.23 -22.33
CA PRO A 70 13.88 -2.28 -22.12
C PRO A 70 13.58 -3.62 -22.80
N ALA A 71 12.39 -4.15 -22.55
CA ALA A 71 11.99 -5.44 -23.12
C ALA A 71 11.72 -5.41 -24.62
N THR A 72 11.17 -4.30 -25.12
CA THR A 72 10.88 -4.19 -26.54
C THR A 72 12.10 -3.73 -27.31
N GLY A 73 12.88 -2.84 -26.69
CA GLY A 73 14.03 -2.29 -27.37
C GLY A 73 13.53 -1.30 -28.40
N TYR A 74 12.30 -0.81 -28.19
CA TYR A 74 11.70 0.17 -29.10
C TYR A 74 11.92 1.59 -28.59
N ARG A 75 11.92 2.54 -29.52
CA ARG A 75 12.10 3.94 -29.19
C ARG A 75 10.92 4.45 -28.36
N LEU A 76 9.71 4.15 -28.83
CA LEU A 76 8.47 4.54 -28.16
C LEU A 76 8.46 6.02 -27.74
N PRO A 77 8.51 6.92 -28.73
CA PRO A 77 8.50 8.35 -28.44
C PRO A 77 7.15 8.78 -27.87
N VAL A 78 7.19 9.75 -26.97
CA VAL A 78 5.96 10.27 -26.36
C VAL A 78 5.75 11.66 -26.94
N THR A 79 4.65 11.85 -27.66
CA THR A 79 4.38 13.14 -28.27
C THR A 79 2.90 13.53 -28.20
N ALA A 80 2.64 14.82 -28.38
CA ALA A 80 1.29 15.34 -28.32
C ALA A 80 0.72 15.59 -29.73
N HIS A 81 1.23 14.87 -30.72
CA HIS A 81 0.75 15.02 -32.09
C HIS A 81 0.76 13.70 -32.82
N GLY A 82 -0.07 13.58 -33.86
CA GLY A 82 -0.12 12.36 -34.64
C GLY A 82 -1.12 11.36 -34.08
N HIS A 83 -1.28 10.23 -34.78
CA HIS A 83 -2.22 9.19 -34.34
C HIS A 83 -1.48 7.96 -33.84
N GLY A 84 -0.82 8.09 -32.69
CA GLY A 84 -0.06 6.98 -32.13
C GLY A 84 -0.80 5.67 -31.90
N GLY A 85 -0.08 4.57 -32.05
CA GLY A 85 -0.65 3.25 -31.85
C GLY A 85 -1.18 3.08 -30.43
N ILE A 86 -0.54 3.76 -29.49
CA ILE A 86 -0.98 3.73 -28.09
C ILE A 86 -1.33 5.17 -27.73
N ARG A 87 -2.60 5.40 -27.40
CA ARG A 87 -3.02 6.75 -27.06
C ARG A 87 -3.60 6.85 -25.65
N LEU A 88 -3.13 7.85 -24.92
CA LEU A 88 -3.61 8.11 -23.57
C LEU A 88 -4.33 9.45 -23.68
N ARG A 89 -5.62 9.45 -23.40
CA ARG A 89 -6.38 10.69 -23.52
C ARG A 89 -7.29 10.99 -22.34
N LEU A 90 -7.29 12.26 -21.95
CA LEU A 90 -8.13 12.72 -20.85
C LEU A 90 -9.39 13.32 -21.47
N ALA A 91 -10.54 12.77 -21.09
CA ALA A 91 -11.81 13.25 -21.61
C ALA A 91 -12.92 12.98 -20.59
N GLY A 92 -14.11 13.48 -20.90
CA GLY A 92 -15.23 13.26 -20.00
C GLY A 92 -15.61 11.80 -20.03
N GLY A 93 -16.37 11.36 -19.03
CA GLY A 93 -16.77 9.97 -18.99
C GLY A 93 -17.16 9.56 -17.59
N PRO A 94 -17.79 8.38 -17.42
CA PRO A 94 -18.22 7.88 -16.12
C PRO A 94 -17.12 7.06 -15.47
N TYR A 95 -15.90 7.58 -15.46
CA TYR A 95 -14.78 6.86 -14.88
C TYR A 95 -14.27 7.41 -13.55
N GLY A 96 -14.86 8.52 -13.11
CA GLY A 96 -14.45 9.11 -11.84
C GLY A 96 -13.01 9.60 -11.80
N ASP A 97 -12.47 9.74 -10.60
CA ASP A 97 -11.10 10.21 -10.43
C ASP A 97 -10.04 9.15 -10.70
N GLU A 98 -10.43 7.87 -10.64
CA GLU A 98 -9.46 6.78 -10.83
C GLU A 98 -9.76 5.75 -11.91
N GLY A 99 -10.95 5.84 -12.51
CA GLY A 99 -11.32 4.88 -13.53
C GLY A 99 -10.80 5.18 -14.92
N TYR A 100 -11.06 4.27 -15.86
CA TYR A 100 -10.59 4.43 -17.23
C TYR A 100 -11.30 3.44 -18.16
N ARG A 101 -11.10 3.65 -19.45
CA ARG A 101 -11.63 2.74 -20.45
C ARG A 101 -10.42 2.37 -21.30
N LEU A 102 -10.30 1.09 -21.64
CA LEU A 102 -9.19 0.64 -22.46
C LEU A 102 -9.78 -0.09 -23.67
N ASP A 103 -9.50 0.44 -24.85
CA ASP A 103 -9.96 -0.16 -26.10
C ASP A 103 -8.74 -0.70 -26.83
N SER A 104 -8.84 -1.93 -27.33
CA SER A 104 -7.73 -2.55 -28.04
C SER A 104 -8.16 -3.21 -29.35
N GLY A 105 -7.36 -3.02 -30.39
CA GLY A 105 -7.66 -3.60 -31.69
C GLY A 105 -6.55 -3.28 -32.69
N PRO A 106 -6.66 -3.76 -33.93
CA PRO A 106 -5.64 -3.49 -34.94
C PRO A 106 -5.36 -2.01 -35.11
N ALA A 107 -6.37 -1.17 -34.85
CA ALA A 107 -6.23 0.27 -34.98
C ALA A 107 -5.39 0.89 -33.86
N GLY A 108 -5.13 0.11 -32.82
CA GLY A 108 -4.33 0.60 -31.72
C GLY A 108 -4.98 0.42 -30.36
N VAL A 109 -4.28 0.86 -29.32
CA VAL A 109 -4.80 0.78 -27.96
C VAL A 109 -5.04 2.19 -27.48
N THR A 110 -6.22 2.44 -26.93
CA THR A 110 -6.54 3.75 -26.41
C THR A 110 -7.01 3.65 -24.98
N ILE A 111 -6.40 4.43 -24.10
CA ILE A 111 -6.77 4.46 -22.70
C ILE A 111 -7.36 5.84 -22.45
N THR A 112 -8.63 5.87 -22.07
CA THR A 112 -9.34 7.11 -21.83
C THR A 112 -9.72 7.24 -20.35
N ALA A 113 -9.56 8.44 -19.79
CA ALA A 113 -9.90 8.67 -18.40
C ALA A 113 -10.14 10.17 -18.15
N ARG A 114 -10.69 10.49 -16.99
CA ARG A 114 -10.94 11.89 -16.65
C ARG A 114 -9.69 12.54 -16.07
N LYS A 115 -8.90 11.75 -15.36
CA LYS A 115 -7.68 12.26 -14.73
C LYS A 115 -6.47 11.35 -14.95
N ALA A 116 -5.28 11.91 -14.70
CA ALA A 116 -4.02 11.18 -14.86
C ALA A 116 -3.99 9.85 -14.11
N ALA A 117 -4.57 9.83 -12.92
CA ALA A 117 -4.60 8.60 -12.12
C ALA A 117 -5.32 7.49 -12.86
N GLY A 118 -6.35 7.85 -13.63
CA GLY A 118 -7.10 6.86 -14.38
C GLY A 118 -6.27 6.30 -15.52
N LEU A 119 -5.52 7.17 -16.18
CA LEU A 119 -4.67 6.74 -17.28
C LEU A 119 -3.60 5.80 -16.71
N PHE A 120 -3.08 6.19 -15.54
CA PHE A 120 -2.04 5.40 -14.87
C PHE A 120 -2.57 4.00 -14.55
N HIS A 121 -3.79 3.93 -14.02
CA HIS A 121 -4.39 2.64 -13.71
C HIS A 121 -4.58 1.84 -15.00
N GLY A 122 -4.93 2.52 -16.08
CA GLY A 122 -5.11 1.84 -17.35
C GLY A 122 -3.80 1.21 -17.80
N VAL A 123 -2.69 1.92 -17.53
CA VAL A 123 -1.37 1.42 -17.87
C VAL A 123 -1.07 0.14 -17.08
N GLN A 124 -1.49 0.11 -15.81
CA GLN A 124 -1.26 -1.08 -14.99
C GLN A 124 -1.99 -2.28 -15.58
N THR A 125 -3.14 -2.04 -16.19
CA THR A 125 -3.89 -3.13 -16.81
C THR A 125 -3.17 -3.54 -18.08
N LEU A 126 -2.71 -2.56 -18.85
CA LEU A 126 -2.02 -2.84 -20.10
C LEU A 126 -0.78 -3.72 -19.93
N ARG A 127 -0.01 -3.49 -18.87
CA ARG A 127 1.20 -4.28 -18.66
C ARG A 127 0.90 -5.74 -18.33
N GLN A 128 -0.34 -6.03 -17.94
CA GLN A 128 -0.72 -7.41 -17.65
C GLN A 128 -1.30 -8.08 -18.91
N LEU A 129 -1.82 -7.27 -19.82
CA LEU A 129 -2.36 -7.79 -21.07
C LEU A 129 -1.19 -8.22 -21.97
N LEU A 130 -0.07 -7.52 -21.84
CA LEU A 130 1.13 -7.85 -22.60
C LEU A 130 1.73 -9.12 -22.01
N PRO A 131 2.60 -9.81 -22.77
CA PRO A 131 3.25 -11.05 -22.31
C PRO A 131 4.30 -10.86 -21.21
N PRO A 132 4.62 -11.93 -20.47
CA PRO A 132 5.60 -11.91 -19.38
C PRO A 132 6.96 -11.34 -19.78
N ALA A 133 7.33 -11.52 -21.05
CA ALA A 133 8.60 -11.02 -21.56
C ALA A 133 8.73 -9.51 -21.36
N VAL A 134 7.60 -8.83 -21.20
CA VAL A 134 7.63 -7.38 -21.03
C VAL A 134 8.39 -6.96 -19.77
N GLU A 135 8.61 -7.92 -18.86
CA GLU A 135 9.31 -7.66 -17.61
C GLU A 135 10.84 -7.68 -17.74
N LYS A 136 11.34 -8.23 -18.84
CA LYS A 136 12.79 -8.35 -19.05
C LYS A 136 13.49 -6.99 -19.26
N ASP A 137 14.79 -6.96 -19.00
CA ASP A 137 15.57 -5.74 -19.18
C ASP A 137 16.31 -5.64 -20.51
N SER A 138 16.28 -6.72 -21.28
CA SER A 138 16.92 -6.73 -22.58
C SER A 138 15.87 -6.99 -23.65
N ALA A 139 16.13 -6.53 -24.87
CA ALA A 139 15.19 -6.71 -25.97
C ALA A 139 14.73 -8.15 -26.15
N GLN A 140 13.43 -8.34 -26.29
CA GLN A 140 12.83 -9.65 -26.46
C GLN A 140 12.07 -9.66 -27.79
N PRO A 141 11.85 -10.86 -28.37
CA PRO A 141 11.14 -11.01 -29.63
C PRO A 141 9.65 -10.70 -29.56
N GLY A 142 9.09 -10.77 -28.35
CA GLY A 142 7.67 -10.53 -28.21
C GLY A 142 6.96 -11.85 -28.48
N PRO A 143 5.83 -11.85 -29.21
CA PRO A 143 5.13 -10.72 -29.82
C PRO A 143 4.49 -9.85 -28.73
N TRP A 144 4.37 -8.56 -29.00
CA TRP A 144 3.78 -7.63 -28.04
C TRP A 144 2.29 -7.46 -28.30
N LEU A 145 1.55 -8.53 -28.06
CA LEU A 145 0.11 -8.57 -28.28
C LEU A 145 -0.76 -8.11 -27.12
N VAL A 146 -1.85 -7.43 -27.45
CA VAL A 146 -2.81 -6.93 -26.47
C VAL A 146 -4.19 -7.39 -26.95
N ALA A 147 -4.82 -8.28 -26.18
CA ALA A 147 -6.14 -8.81 -26.54
C ALA A 147 -7.09 -7.72 -27.00
N GLY A 148 -7.91 -8.04 -28.00
CA GLY A 148 -8.85 -7.06 -28.51
C GLY A 148 -10.11 -6.95 -27.69
N GLY A 149 -10.73 -5.77 -27.70
CA GLY A 149 -11.95 -5.57 -26.95
C GLY A 149 -11.95 -4.28 -26.16
N THR A 150 -12.86 -4.19 -25.20
CA THR A 150 -12.97 -3.00 -24.38
C THR A 150 -13.07 -3.33 -22.89
N ILE A 151 -12.38 -2.54 -22.08
CA ILE A 151 -12.43 -2.71 -20.63
C ILE A 151 -12.86 -1.35 -20.08
N GLU A 152 -13.83 -1.36 -19.17
CA GLU A 152 -14.30 -0.15 -18.52
C GLU A 152 -14.13 -0.50 -17.06
N ASP A 153 -13.30 0.30 -16.37
CA ASP A 153 -12.93 0.00 -15.00
C ASP A 153 -13.00 1.18 -14.04
N THR A 154 -13.55 0.95 -12.85
CA THR A 154 -13.64 1.96 -11.80
C THR A 154 -13.48 1.20 -10.47
N PRO A 155 -12.96 1.87 -9.42
CA PRO A 155 -12.75 1.20 -8.13
C PRO A 155 -13.96 1.14 -7.20
N ARG A 156 -14.04 0.06 -6.43
CA ARG A 156 -15.12 -0.13 -5.46
C ARG A 156 -14.90 0.74 -4.24
N TYR A 157 -13.67 0.75 -3.73
CA TYR A 157 -13.29 1.53 -2.55
C TYR A 157 -12.22 2.56 -2.87
N ALA A 158 -12.24 3.69 -2.17
CA ALA A 158 -11.27 4.75 -2.39
C ALA A 158 -10.01 4.60 -1.54
N TRP A 159 -10.07 3.79 -0.48
CA TRP A 159 -8.91 3.56 0.36
C TRP A 159 -8.38 2.15 0.04
N ARG A 160 -7.31 2.10 -0.75
CA ARG A 160 -6.69 0.83 -1.14
C ARG A 160 -5.21 1.06 -0.84
N SER A 161 -4.78 0.64 0.36
CA SER A 161 -3.40 0.88 0.76
C SER A 161 -2.53 -0.31 1.12
N ALA A 162 -1.24 -0.03 1.17
CA ALA A 162 -0.22 -1.01 1.52
C ALA A 162 0.67 -0.29 2.54
N MET A 163 1.04 -0.98 3.60
CA MET A 163 1.89 -0.36 4.60
C MET A 163 3.24 -1.05 4.61
N LEU A 164 4.30 -0.26 4.82
CA LEU A 164 5.63 -0.84 4.93
C LEU A 164 6.17 -0.40 6.29
N ASP A 165 6.65 -1.37 7.06
CA ASP A 165 7.22 -1.13 8.38
C ASP A 165 8.71 -0.88 8.16
N VAL A 166 9.16 0.36 8.33
CA VAL A 166 10.57 0.67 8.16
C VAL A 166 11.23 0.91 9.52
N SER A 167 10.50 0.58 10.58
CA SER A 167 10.99 0.76 11.95
C SER A 167 11.69 -0.49 12.49
N ARG A 168 11.09 -1.66 12.27
CA ARG A 168 11.68 -2.90 12.76
C ARG A 168 13.00 -3.16 12.05
N HIS A 169 12.99 -2.99 10.73
CA HIS A 169 14.21 -3.06 9.93
C HIS A 169 14.05 -1.85 9.00
N PHE A 170 15.10 -1.05 8.92
CA PHE A 170 15.06 0.14 8.07
C PHE A 170 15.27 -0.20 6.61
N PHE A 171 14.55 0.49 5.75
CA PHE A 171 14.71 0.33 4.31
C PHE A 171 14.91 1.73 3.76
N GLY A 172 16.00 1.90 3.01
CA GLY A 172 16.32 3.19 2.44
C GLY A 172 15.38 3.67 1.36
N VAL A 173 15.57 4.91 0.93
CA VAL A 173 14.73 5.50 -0.11
C VAL A 173 14.60 4.59 -1.33
N ASP A 174 15.72 4.08 -1.85
CA ASP A 174 15.64 3.23 -3.03
C ASP A 174 14.87 1.94 -2.81
N GLU A 175 14.97 1.36 -1.62
CA GLU A 175 14.25 0.13 -1.32
C GLU A 175 12.76 0.43 -1.19
N VAL A 176 12.43 1.62 -0.70
CA VAL A 176 11.04 2.02 -0.56
C VAL A 176 10.47 2.28 -1.96
N LYS A 177 11.28 2.88 -2.84
CA LYS A 177 10.84 3.14 -4.21
C LYS A 177 10.55 1.81 -4.88
N ARG A 178 11.38 0.81 -4.59
CA ARG A 178 11.19 -0.53 -5.16
C ARG A 178 9.86 -1.10 -4.68
N TYR A 179 9.58 -0.97 -3.39
CA TYR A 179 8.32 -1.50 -2.87
C TYR A 179 7.15 -0.72 -3.46
N ILE A 180 7.34 0.58 -3.66
CA ILE A 180 6.30 1.40 -4.25
C ILE A 180 5.95 0.86 -5.64
N ASP A 181 6.97 0.50 -6.41
CA ASP A 181 6.71 -0.02 -7.75
C ASP A 181 6.03 -1.38 -7.70
N ARG A 182 6.30 -2.15 -6.64
CA ARG A 182 5.65 -3.45 -6.49
C ARG A 182 4.13 -3.25 -6.31
N VAL A 183 3.75 -2.35 -5.41
CA VAL A 183 2.33 -2.12 -5.16
C VAL A 183 1.59 -1.37 -6.27
N ALA A 184 2.30 -0.51 -6.98
CA ALA A 184 1.70 0.27 -8.06
C ALA A 184 1.09 -0.65 -9.13
N ARG A 185 1.62 -1.85 -9.25
CA ARG A 185 1.13 -2.81 -10.23
C ARG A 185 -0.34 -3.17 -10.05
N TYR A 186 -0.82 -3.08 -8.82
CA TYR A 186 -2.19 -3.48 -8.53
C TYR A 186 -3.19 -2.38 -8.17
N LYS A 187 -2.86 -1.16 -8.56
CA LYS A 187 -3.73 0.00 -8.35
C LYS A 187 -3.98 0.46 -6.91
N TYR A 188 -3.05 0.16 -6.00
CA TYR A 188 -3.17 0.63 -4.63
C TYR A 188 -3.04 2.14 -4.80
N ASN A 189 -3.68 2.94 -3.95
CA ASN A 189 -3.56 4.39 -4.11
C ASN A 189 -3.06 5.11 -2.85
N LYS A 190 -2.72 4.34 -1.82
CA LYS A 190 -2.19 4.92 -0.60
C LYS A 190 -1.03 4.07 -0.07
N LEU A 191 0.00 4.75 0.43
CA LEU A 191 1.17 4.09 0.99
C LEU A 191 1.32 4.51 2.44
N HIS A 192 1.05 3.56 3.34
CA HIS A 192 1.13 3.79 4.77
C HIS A 192 2.56 3.47 5.21
N LEU A 193 3.27 4.48 5.71
CA LEU A 193 4.64 4.27 6.18
C LEU A 193 4.68 4.28 7.70
N HIS A 194 5.11 3.16 8.27
CA HIS A 194 5.21 3.04 9.73
C HIS A 194 6.60 3.55 10.09
N LEU A 195 6.67 4.86 10.31
CA LEU A 195 7.92 5.58 10.59
C LEU A 195 8.55 5.50 11.97
N SER A 196 7.83 4.97 12.95
CA SER A 196 8.41 4.87 14.28
C SER A 196 7.84 3.72 15.08
N ASP A 197 8.69 3.14 15.93
CA ASP A 197 8.26 2.05 16.79
C ASP A 197 9.30 1.89 17.89
N ASP A 198 9.32 0.74 18.54
CA ASP A 198 10.26 0.53 19.63
C ASP A 198 11.71 0.33 19.19
N GLN A 199 11.91 -0.20 18.00
CA GLN A 199 13.25 -0.45 17.52
C GLN A 199 13.86 0.65 16.64
N GLY A 200 13.11 1.73 16.42
CA GLY A 200 13.65 2.80 15.60
C GLY A 200 12.72 3.96 15.28
N TRP A 201 13.32 5.13 15.13
CA TRP A 201 12.61 6.36 14.78
C TRP A 201 13.20 6.70 13.42
N ARG A 202 12.35 6.76 12.39
CA ARG A 202 12.87 6.94 11.04
C ARG A 202 12.67 8.26 10.30
N ILE A 203 12.31 9.32 11.00
CA ILE A 203 12.14 10.62 10.34
C ILE A 203 12.79 11.71 11.17
N ALA A 204 13.68 12.46 10.55
CA ALA A 204 14.38 13.54 11.25
C ALA A 204 13.43 14.67 11.65
N ILE A 205 13.46 15.00 12.94
CA ILE A 205 12.63 16.06 13.49
C ILE A 205 13.61 17.14 13.98
N ASP A 206 13.56 18.33 13.39
CA ASP A 206 14.49 19.40 13.78
C ASP A 206 14.44 19.79 15.26
N SER A 207 13.25 19.83 15.83
CA SER A 207 13.10 20.22 17.24
C SER A 207 13.63 19.18 18.24
N TRP A 208 13.73 17.93 17.81
CA TRP A 208 14.25 16.85 18.65
C TRP A 208 15.21 16.03 17.79
N PRO A 209 16.40 16.60 17.52
CA PRO A 209 17.47 16.00 16.71
C PRO A 209 17.91 14.59 17.06
N ARG A 210 17.87 14.25 18.35
CA ARG A 210 18.30 12.91 18.77
C ARG A 210 17.37 11.78 18.39
N LEU A 211 16.12 12.10 18.07
CA LEU A 211 15.17 11.06 17.69
C LEU A 211 15.74 10.25 16.51
N ALA A 212 16.27 10.95 15.52
CA ALA A 212 16.84 10.30 14.34
C ALA A 212 18.28 9.82 14.55
N THR A 213 19.14 10.69 15.08
CA THR A 213 20.54 10.34 15.27
C THR A 213 20.76 9.25 16.32
N TYR A 214 19.91 9.21 17.33
CA TYR A 214 20.05 8.19 18.36
C TYR A 214 18.92 7.16 18.21
N GLY A 215 17.68 7.63 18.23
CA GLY A 215 16.54 6.73 18.09
C GLY A 215 16.54 5.93 16.80
N GLY A 216 17.23 6.42 15.78
CA GLY A 216 17.28 5.70 14.53
C GLY A 216 18.58 4.95 14.31
N SER A 217 19.45 4.95 15.32
CA SER A 217 20.77 4.32 15.19
C SER A 217 20.84 2.80 15.12
N THR A 218 19.73 2.10 15.32
CA THR A 218 19.75 0.64 15.23
C THR A 218 18.41 0.09 14.76
N GLU A 219 18.21 -1.21 14.89
CA GLU A 219 16.97 -1.86 14.47
C GLU A 219 16.90 -3.25 15.08
N VAL A 220 15.88 -4.02 14.70
CA VAL A 220 15.76 -5.38 15.21
C VAL A 220 17.04 -6.13 14.89
N GLY A 221 17.59 -6.83 15.89
CA GLY A 221 18.81 -7.58 15.69
C GLY A 221 20.10 -6.80 15.92
N GLY A 222 19.98 -5.50 16.18
CA GLY A 222 21.15 -4.69 16.41
C GLY A 222 21.86 -4.25 15.14
N GLY A 223 22.99 -3.57 15.30
CA GLY A 223 23.73 -3.09 14.15
C GLY A 223 23.16 -1.77 13.67
N PRO A 224 23.58 -1.29 12.49
CA PRO A 224 23.10 -0.01 11.93
C PRO A 224 21.60 0.01 11.66
N GLY A 225 21.01 1.18 11.82
CA GLY A 225 19.58 1.34 11.57
C GLY A 225 19.42 2.29 10.39
N GLY A 226 19.03 3.53 10.67
CA GLY A 226 18.85 4.51 9.62
C GLY A 226 17.61 5.35 9.80
N TYR A 227 17.46 6.39 8.98
CA TYR A 227 16.30 7.26 9.04
C TYR A 227 16.27 8.14 7.79
N TYR A 228 15.13 8.78 7.56
CA TYR A 228 15.00 9.67 6.42
C TYR A 228 15.19 11.12 6.84
N THR A 229 16.00 11.84 6.08
CA THR A 229 16.16 13.27 6.33
C THR A 229 14.87 13.80 5.73
N LYS A 230 14.54 15.05 6.00
CA LYS A 230 13.32 15.61 5.44
C LYS A 230 13.41 15.57 3.92
N ALA A 231 14.61 15.78 3.38
CA ALA A 231 14.79 15.74 1.93
C ALA A 231 14.47 14.35 1.39
N GLU A 232 14.94 13.32 2.08
CA GLU A 232 14.68 11.94 1.63
C GLU A 232 13.20 11.62 1.71
N TYR A 233 12.57 12.05 2.79
CA TYR A 233 11.14 11.80 2.95
C TYR A 233 10.38 12.49 1.83
N LYS A 234 10.76 13.73 1.53
CA LYS A 234 10.12 14.48 0.46
C LYS A 234 10.25 13.74 -0.87
N GLU A 235 11.41 13.13 -1.11
CA GLU A 235 11.65 12.38 -2.34
C GLU A 235 10.78 11.13 -2.39
N ILE A 236 10.57 10.49 -1.24
CA ILE A 236 9.70 9.31 -1.20
C ILE A 236 8.28 9.74 -1.54
N VAL A 237 7.86 10.88 -0.98
CA VAL A 237 6.51 11.38 -1.24
C VAL A 237 6.34 11.72 -2.72
N ARG A 238 7.37 12.35 -3.30
CA ARG A 238 7.32 12.72 -4.71
C ARG A 238 7.23 11.49 -5.60
N TYR A 239 8.09 10.50 -5.32
CA TYR A 239 8.10 9.28 -6.10
C TYR A 239 6.75 8.56 -5.99
N ALA A 240 6.23 8.48 -4.77
CA ALA A 240 4.95 7.82 -4.54
C ALA A 240 3.85 8.55 -5.31
N ALA A 241 3.89 9.88 -5.29
CA ALA A 241 2.89 10.68 -5.99
C ALA A 241 2.93 10.40 -7.49
N SER A 242 4.13 10.23 -8.04
CA SER A 242 4.26 9.95 -9.47
C SER A 242 3.66 8.57 -9.78
N ARG A 243 3.54 7.73 -8.76
CA ARG A 243 2.94 6.40 -8.92
C ARG A 243 1.51 6.43 -8.38
N HIS A 244 1.01 7.66 -8.19
CA HIS A 244 -0.35 7.90 -7.69
C HIS A 244 -0.69 7.22 -6.38
N LEU A 245 0.27 7.29 -5.45
CA LEU A 245 0.12 6.77 -4.11
C LEU A 245 0.21 7.96 -3.17
N GLU A 246 -0.83 8.14 -2.35
CA GLU A 246 -0.88 9.22 -1.38
C GLU A 246 -0.19 8.65 -0.14
N VAL A 247 0.87 9.30 0.32
CA VAL A 247 1.60 8.81 1.48
C VAL A 247 0.91 9.15 2.81
N VAL A 248 0.68 8.11 3.60
CA VAL A 248 0.05 8.25 4.92
C VAL A 248 1.10 7.87 5.95
N PRO A 249 1.77 8.87 6.54
CA PRO A 249 2.82 8.62 7.54
C PRO A 249 2.22 8.29 8.90
N GLU A 250 2.89 7.41 9.64
CA GLU A 250 2.42 7.05 10.96
C GLU A 250 3.48 7.22 12.03
N ILE A 251 3.12 7.91 13.10
CA ILE A 251 3.99 8.10 14.26
C ILE A 251 3.13 7.45 15.34
N ASP A 252 3.49 6.23 15.72
CA ASP A 252 2.73 5.46 16.71
C ASP A 252 2.79 6.07 18.11
N MET A 253 1.63 6.21 18.74
CA MET A 253 1.55 6.76 20.10
C MET A 253 0.23 6.33 20.76
N PRO A 254 0.22 6.23 22.10
CA PRO A 254 1.33 6.46 23.04
C PRO A 254 2.24 5.24 23.21
N GLY A 255 1.81 4.10 22.66
CA GLY A 255 2.61 2.88 22.75
C GLY A 255 3.57 2.76 21.58
N HIS A 256 4.41 1.73 21.58
CA HIS A 256 5.37 1.53 20.50
C HIS A 256 6.23 2.78 20.34
N THR A 257 6.66 3.35 21.46
CA THR A 257 7.45 4.58 21.44
C THR A 257 8.85 4.49 22.06
N ASN A 258 9.39 3.30 22.23
CA ASN A 258 10.72 3.18 22.85
C ASN A 258 11.84 3.96 22.16
N ALA A 259 11.82 4.02 20.83
CA ALA A 259 12.88 4.75 20.12
C ALA A 259 12.94 6.20 20.57
N ALA A 260 11.77 6.82 20.70
CA ALA A 260 11.69 8.20 21.14
C ALA A 260 12.07 8.30 22.62
N LEU A 261 11.53 7.39 23.42
CA LEU A 261 11.80 7.35 24.86
C LEU A 261 13.28 7.15 25.16
N ALA A 262 13.93 6.32 24.35
CA ALA A 262 15.34 6.03 24.54
C ALA A 262 16.21 7.23 24.18
N SER A 263 15.68 8.10 23.33
CA SER A 263 16.41 9.29 22.87
C SER A 263 16.33 10.48 23.83
N TYR A 264 15.25 10.57 24.59
CA TYR A 264 15.07 11.68 25.52
C TYR A 264 14.55 11.21 26.88
N ALA A 265 15.44 11.20 27.86
CA ALA A 265 15.10 10.75 29.20
C ALA A 265 13.89 11.46 29.81
N GLU A 266 13.73 12.74 29.50
CA GLU A 266 12.63 13.55 30.03
C GLU A 266 11.24 13.06 29.64
N LEU A 267 11.15 12.30 28.56
CA LEU A 267 9.85 11.80 28.10
C LEU A 267 9.36 10.62 28.92
N ASN A 268 10.26 10.01 29.69
CA ASN A 268 9.91 8.85 30.49
C ASN A 268 9.34 9.19 31.84
N CYS A 269 8.36 8.41 32.28
CA CYS A 269 7.73 8.67 33.56
C CYS A 269 8.71 8.78 34.73
N ASP A 270 9.76 7.95 34.72
CA ASP A 270 10.75 7.98 35.78
C ASP A 270 11.96 8.85 35.40
N GLY A 271 11.84 9.55 34.27
CA GLY A 271 12.92 10.43 33.84
C GLY A 271 14.20 9.75 33.41
N VAL A 272 14.15 8.44 33.19
CA VAL A 272 15.31 7.69 32.76
C VAL A 272 15.06 7.12 31.36
N ALA A 273 16.03 7.29 30.48
CA ALA A 273 15.90 6.79 29.12
C ALA A 273 16.15 5.29 29.09
N PRO A 274 15.21 4.52 28.49
CA PRO A 274 15.40 3.07 28.42
C PRO A 274 16.48 2.83 27.37
N PRO A 275 17.04 1.62 27.34
CA PRO A 275 18.08 1.34 26.32
C PRO A 275 17.40 1.28 24.95
N LEU A 276 18.18 1.38 23.88
CA LEU A 276 17.62 1.24 22.55
C LEU A 276 17.17 -0.21 22.51
N TYR A 277 16.03 -0.47 21.88
CA TYR A 277 15.48 -1.82 21.82
C TYR A 277 15.72 -2.53 20.49
N THR A 278 16.21 -3.76 20.56
CA THR A 278 16.50 -4.54 19.35
C THR A 278 15.78 -5.88 19.33
N GLY A 279 14.84 -6.06 20.26
CA GLY A 279 14.07 -7.29 20.33
C GLY A 279 12.88 -7.26 19.40
N THR A 280 11.98 -8.23 19.55
CA THR A 280 10.80 -8.31 18.69
C THR A 280 9.46 -8.37 19.43
N LYS A 281 9.46 -8.02 20.71
CA LYS A 281 8.23 -8.04 21.49
C LYS A 281 7.50 -6.71 21.34
N VAL A 282 6.26 -6.64 21.80
CA VAL A 282 5.46 -5.42 21.69
C VAL A 282 4.65 -5.16 22.97
N GLY A 283 4.15 -3.92 23.08
CA GLY A 283 3.29 -3.54 24.19
C GLY A 283 3.88 -3.10 25.52
N PHE A 284 5.21 -2.98 25.59
CA PHE A 284 5.87 -2.61 26.83
C PHE A 284 6.21 -1.13 27.02
N SER A 285 6.18 -0.36 25.93
CA SER A 285 6.53 1.05 26.00
C SER A 285 5.33 2.00 26.06
N SER A 286 5.56 3.18 26.63
CA SER A 286 4.51 4.18 26.72
C SER A 286 5.02 5.57 27.01
N LEU A 287 4.45 6.57 26.33
CA LEU A 287 4.83 7.94 26.59
C LEU A 287 4.26 8.20 27.98
N CYS A 288 4.79 9.18 28.70
CA CYS A 288 4.26 9.44 30.04
C CYS A 288 3.07 10.39 29.93
N VAL A 289 1.87 9.83 30.06
CA VAL A 289 0.63 10.59 29.94
C VAL A 289 0.48 11.74 30.94
N ASP A 290 1.02 11.58 32.15
CA ASP A 290 0.90 12.62 33.17
C ASP A 290 1.91 13.76 33.10
N LYS A 291 2.78 13.78 32.09
CA LYS A 291 3.77 14.85 31.99
C LYS A 291 3.43 15.83 30.87
N ASP A 292 3.61 17.12 31.13
CA ASP A 292 3.31 18.15 30.14
C ASP A 292 4.24 18.07 28.94
N VAL A 293 5.52 17.78 29.17
CA VAL A 293 6.49 17.71 28.08
C VAL A 293 6.05 16.75 27.00
N THR A 294 5.34 15.70 27.39
CA THR A 294 4.84 14.71 26.44
C THR A 294 4.04 15.36 25.31
N TYR A 295 3.18 16.29 25.66
CA TYR A 295 2.34 16.94 24.66
C TYR A 295 3.06 18.01 23.84
N ASP A 296 4.15 18.55 24.36
CA ASP A 296 4.92 19.53 23.61
C ASP A 296 5.64 18.71 22.53
N PHE A 297 6.12 17.55 22.94
CA PHE A 297 6.82 16.61 22.07
C PHE A 297 5.92 16.18 20.92
N VAL A 298 4.73 15.70 21.24
CA VAL A 298 3.79 15.25 20.22
C VAL A 298 3.42 16.39 19.28
N ASP A 299 3.21 17.58 19.82
CA ASP A 299 2.87 18.72 18.98
C ASP A 299 4.01 19.05 18.01
N ASP A 300 5.25 19.06 18.51
CA ASP A 300 6.40 19.37 17.68
C ASP A 300 6.54 18.36 16.54
N VAL A 301 6.45 17.07 16.87
CA VAL A 301 6.58 16.02 15.87
C VAL A 301 5.48 16.06 14.83
N ILE A 302 4.23 16.10 15.26
CA ILE A 302 3.11 16.14 14.34
C ILE A 302 3.16 17.39 13.46
N GLY A 303 3.56 18.53 14.04
CA GLY A 303 3.65 19.76 13.28
C GLY A 303 4.68 19.65 12.16
N GLU A 304 5.84 19.07 12.47
CA GLU A 304 6.88 18.93 11.46
C GLU A 304 6.52 17.88 10.42
N LEU A 305 5.87 16.80 10.85
CA LEU A 305 5.48 15.75 9.93
C LEU A 305 4.39 16.25 8.98
N ALA A 306 3.43 17.00 9.52
CA ALA A 306 2.33 17.51 8.71
C ALA A 306 2.87 18.42 7.60
N ALA A 307 3.88 19.21 7.93
CA ALA A 307 4.48 20.13 6.97
C ALA A 307 5.09 19.39 5.78
N LEU A 308 5.53 18.16 6.02
CA LEU A 308 6.15 17.35 4.97
C LEU A 308 5.14 16.45 4.27
N THR A 309 3.89 16.49 4.73
CA THR A 309 2.85 15.62 4.19
C THR A 309 1.77 16.32 3.37
N PRO A 310 1.87 16.25 2.03
CA PRO A 310 0.87 16.88 1.17
C PRO A 310 -0.44 16.12 1.20
N GLY A 311 -0.38 14.87 1.65
CA GLY A 311 -1.56 14.04 1.75
C GLY A 311 -2.55 14.56 2.79
N ARG A 312 -3.75 14.00 2.79
CA ARG A 312 -4.80 14.44 3.70
C ARG A 312 -4.77 13.82 5.09
N TYR A 313 -4.08 12.69 5.21
CA TYR A 313 -4.05 11.97 6.48
C TYR A 313 -2.75 11.89 7.26
N LEU A 314 -2.91 11.73 8.58
CA LEU A 314 -1.80 11.60 9.49
C LEU A 314 -2.23 10.49 10.45
N HIS A 315 -1.46 9.41 10.47
CA HIS A 315 -1.75 8.23 11.29
C HIS A 315 -1.05 8.34 12.65
N ILE A 316 -1.81 8.34 13.75
CA ILE A 316 -1.19 8.43 15.07
C ILE A 316 -1.13 7.07 15.78
N GLY A 317 -1.42 5.99 15.05
CA GLY A 317 -1.38 4.66 15.63
C GLY A 317 -2.38 4.42 16.75
N GLY A 318 -1.86 4.12 17.95
CA GLY A 318 -2.74 3.90 19.08
C GLY A 318 -2.97 2.46 19.49
N ALA A 319 -2.32 1.52 18.80
CA ALA A 319 -2.50 0.11 19.13
C ALA A 319 -1.43 -0.40 20.10
N GLU A 320 -1.81 -1.42 20.86
CA GLU A 320 -0.91 -2.05 21.82
C GLU A 320 -0.23 -1.12 22.82
N ALA A 321 -0.98 -0.16 23.34
CA ALA A 321 -0.44 0.76 24.34
C ALA A 321 -0.72 0.05 25.67
N HIS A 322 -0.18 -1.15 25.80
CA HIS A 322 -0.39 -1.99 26.99
C HIS A 322 0.27 -1.51 28.28
N SER A 323 1.11 -0.49 28.19
CA SER A 323 1.75 0.05 29.38
C SER A 323 1.08 1.38 29.71
N THR A 324 -0.08 1.60 29.10
CA THR A 324 -0.86 2.81 29.30
C THR A 324 -2.25 2.43 29.82
N PRO A 325 -2.53 2.73 31.10
CA PRO A 325 -3.84 2.40 31.69
C PRO A 325 -4.98 2.90 30.80
N LYS A 326 -6.06 2.13 30.74
CA LYS A 326 -7.21 2.51 29.91
C LYS A 326 -7.61 3.97 30.02
N ALA A 327 -7.81 4.45 31.25
CA ALA A 327 -8.20 5.83 31.46
C ALA A 327 -7.15 6.80 30.92
N ASP A 328 -5.88 6.46 31.06
CA ASP A 328 -4.79 7.30 30.58
C ASP A 328 -4.78 7.34 29.05
N PHE A 329 -5.05 6.19 28.43
CA PHE A 329 -5.08 6.09 26.97
C PHE A 329 -6.17 7.01 26.45
N VAL A 330 -7.35 6.94 27.05
CA VAL A 330 -8.47 7.76 26.62
C VAL A 330 -8.13 9.24 26.77
N ALA A 331 -7.56 9.60 27.92
CA ALA A 331 -7.18 10.98 28.18
C ALA A 331 -6.12 11.44 27.17
N PHE A 332 -5.16 10.56 26.89
CA PHE A 332 -4.10 10.88 25.94
C PHE A 332 -4.67 11.16 24.54
N MET A 333 -5.52 10.27 24.06
CA MET A 333 -6.11 10.43 22.74
C MET A 333 -7.02 11.65 22.64
N LYS A 334 -7.68 11.99 23.73
CA LYS A 334 -8.56 13.15 23.76
C LYS A 334 -7.72 14.41 23.55
N ARG A 335 -6.52 14.39 24.12
CA ARG A 335 -5.60 15.51 24.03
C ARG A 335 -4.83 15.60 22.71
N VAL A 336 -4.37 14.47 22.18
CA VAL A 336 -3.58 14.50 20.95
C VAL A 336 -4.34 14.55 19.63
N GLN A 337 -5.53 13.95 19.55
CA GLN A 337 -6.26 13.96 18.29
C GLN A 337 -6.43 15.37 17.70
N PRO A 338 -6.79 16.36 18.53
CA PRO A 338 -6.97 17.73 18.04
C PRO A 338 -5.73 18.31 17.38
N ILE A 339 -4.56 17.85 17.82
CA ILE A 339 -3.29 18.33 17.27
C ILE A 339 -3.19 18.06 15.77
N VAL A 340 -3.78 16.95 15.33
CA VAL A 340 -3.74 16.59 13.92
C VAL A 340 -4.53 17.62 13.10
N ALA A 341 -5.73 17.94 13.56
CA ALA A 341 -6.57 18.92 12.87
C ALA A 341 -5.94 20.31 12.94
N LYS A 342 -5.21 20.57 14.02
CA LYS A 342 -4.54 21.84 14.21
C LYS A 342 -3.59 22.09 13.05
N TYR A 343 -2.96 21.02 12.57
CA TYR A 343 -2.02 21.15 11.46
C TYR A 343 -2.64 20.77 10.12
N GLY A 344 -3.96 20.91 10.03
CA GLY A 344 -4.70 20.65 8.81
C GLY A 344 -4.82 19.25 8.24
N LYS A 345 -4.75 18.22 9.09
CA LYS A 345 -4.84 16.86 8.58
C LYS A 345 -5.98 16.06 9.20
N THR A 346 -6.28 14.92 8.59
CA THR A 346 -7.32 14.03 9.07
C THR A 346 -6.66 12.88 9.85
N VAL A 347 -7.12 12.67 11.08
CA VAL A 347 -6.54 11.63 11.90
C VAL A 347 -6.95 10.21 11.52
N VAL A 348 -5.99 9.31 11.61
CA VAL A 348 -6.19 7.90 11.34
C VAL A 348 -5.52 7.20 12.52
N GLY A 349 -6.11 6.12 13.00
CA GLY A 349 -5.50 5.39 14.10
C GLY A 349 -5.90 3.93 14.02
N TRP A 350 -5.21 3.07 14.75
CA TRP A 350 -5.58 1.66 14.73
C TRP A 350 -6.92 1.61 15.46
N HIS A 351 -7.70 0.54 15.29
CA HIS A 351 -9.03 0.52 15.89
C HIS A 351 -9.17 0.68 17.39
N GLN A 352 -8.05 0.63 18.12
CA GLN A 352 -8.13 0.83 19.57
C GLN A 352 -8.64 2.26 19.81
N LEU A 353 -8.46 3.13 18.82
CA LEU A 353 -8.92 4.51 18.94
C LEU A 353 -10.44 4.57 19.05
N ALA A 354 -11.12 3.54 18.55
CA ALA A 354 -12.59 3.48 18.61
C ALA A 354 -13.06 3.46 20.06
N GLY A 355 -12.15 3.10 20.95
CA GLY A 355 -12.48 3.06 22.36
C GLY A 355 -12.04 4.33 23.06
N ALA A 356 -11.60 5.32 22.29
CA ALA A 356 -11.15 6.58 22.85
C ALA A 356 -11.75 7.80 22.16
N GLU A 357 -13.04 7.71 21.84
CA GLU A 357 -13.77 8.81 21.21
C GLU A 357 -13.11 9.46 19.99
N PRO A 358 -13.19 8.79 18.83
CA PRO A 358 -12.58 9.34 17.61
C PRO A 358 -13.20 10.70 17.29
N VAL A 359 -12.37 11.65 16.88
CA VAL A 359 -12.88 12.98 16.54
C VAL A 359 -13.60 12.89 15.20
N GLU A 360 -14.38 13.93 14.88
CA GLU A 360 -15.11 13.95 13.63
C GLU A 360 -14.15 13.84 12.44
N GLY A 361 -14.52 13.04 11.45
CA GLY A 361 -13.70 12.89 10.27
C GLY A 361 -12.59 11.85 10.38
N ALA A 362 -12.41 11.30 11.58
CA ALA A 362 -11.36 10.31 11.79
C ALA A 362 -11.65 8.97 11.13
N LEU A 363 -10.59 8.21 10.86
CA LEU A 363 -10.71 6.87 10.30
C LEU A 363 -9.96 5.95 11.26
N VAL A 364 -10.43 4.72 11.40
CA VAL A 364 -9.73 3.75 12.26
C VAL A 364 -9.41 2.53 11.43
N GLN A 365 -8.23 1.97 11.68
CA GLN A 365 -7.77 0.80 10.95
C GLN A 365 -7.97 -0.44 11.80
N TYR A 366 -8.89 -1.30 11.37
CA TYR A 366 -9.22 -2.52 12.07
C TYR A 366 -8.28 -3.68 11.73
N TRP A 367 -7.55 -4.15 12.72
CA TRP A 367 -6.61 -5.25 12.53
C TRP A 367 -7.02 -6.47 13.34
N GLY A 368 -8.32 -6.59 13.62
CA GLY A 368 -8.82 -7.71 14.40
C GLY A 368 -8.84 -9.01 13.58
N LEU A 369 -9.33 -10.08 14.20
CA LEU A 369 -9.37 -11.39 13.55
C LEU A 369 -10.76 -12.02 13.69
N ASP A 370 -10.96 -13.16 13.03
CA ASP A 370 -12.24 -13.88 13.11
C ASP A 370 -12.54 -14.17 14.58
N ARG A 371 -11.51 -14.56 15.32
CA ARG A 371 -11.63 -14.93 16.73
C ARG A 371 -11.76 -13.77 17.72
N THR A 372 -11.62 -12.55 17.24
CA THR A 372 -11.72 -11.39 18.12
C THR A 372 -13.08 -11.43 18.86
N GLY A 373 -13.07 -11.03 20.13
CA GLY A 373 -14.29 -11.04 20.92
C GLY A 373 -15.34 -10.09 20.40
N ASP A 374 -16.61 -10.43 20.59
CA ASP A 374 -17.71 -9.59 20.13
C ASP A 374 -17.67 -8.16 20.68
N ALA A 375 -17.21 -8.01 21.91
CA ALA A 375 -17.15 -6.68 22.53
C ALA A 375 -16.23 -5.75 21.75
N GLU A 376 -15.09 -6.28 21.31
CA GLU A 376 -14.14 -5.47 20.56
C GLU A 376 -14.70 -5.14 19.19
N LYS A 377 -15.31 -6.12 18.54
CA LYS A 377 -15.90 -5.89 17.23
C LYS A 377 -17.02 -4.86 17.33
N ALA A 378 -17.82 -4.95 18.39
CA ALA A 378 -18.93 -4.02 18.60
C ALA A 378 -18.47 -2.58 18.73
N GLU A 379 -17.39 -2.37 19.47
CA GLU A 379 -16.86 -1.03 19.68
C GLU A 379 -16.49 -0.39 18.34
N VAL A 380 -15.93 -1.19 17.43
CA VAL A 380 -15.54 -0.67 16.14
C VAL A 380 -16.78 -0.43 15.26
N ALA A 381 -17.74 -1.35 15.30
CA ALA A 381 -18.95 -1.19 14.51
C ALA A 381 -19.71 0.05 14.96
N GLU A 382 -19.67 0.33 16.26
CA GLU A 382 -20.35 1.48 16.82
C GLU A 382 -19.68 2.76 16.32
N ALA A 383 -18.36 2.75 16.25
CA ALA A 383 -17.63 3.91 15.76
C ALA A 383 -18.06 4.14 14.31
N ALA A 384 -18.23 3.06 13.56
CA ALA A 384 -18.66 3.15 12.17
C ALA A 384 -20.04 3.81 12.11
N ARG A 385 -20.92 3.41 13.02
CA ARG A 385 -22.27 3.99 13.05
C ARG A 385 -22.20 5.48 13.39
N ASN A 386 -21.21 5.87 14.18
CA ASN A 386 -21.05 7.26 14.57
C ASN A 386 -20.32 8.11 13.55
N GLY A 387 -20.07 7.56 12.37
CA GLY A 387 -19.41 8.31 11.32
C GLY A 387 -17.92 8.09 11.12
N THR A 388 -17.31 7.23 11.94
CA THR A 388 -15.88 6.97 11.80
C THR A 388 -15.66 6.06 10.60
N GLY A 389 -14.73 6.44 9.73
CA GLY A 389 -14.44 5.62 8.56
C GLY A 389 -13.65 4.39 8.94
N LEU A 390 -13.93 3.26 8.29
CA LEU A 390 -13.23 2.01 8.58
C LEU A 390 -12.27 1.57 7.49
N ILE A 391 -11.05 1.24 7.90
CA ILE A 391 -10.02 0.71 6.99
C ILE A 391 -9.84 -0.72 7.49
N LEU A 392 -10.12 -1.70 6.64
CA LEU A 392 -10.00 -3.09 7.06
C LEU A 392 -8.69 -3.78 6.69
N SER A 393 -7.98 -4.26 7.71
CA SER A 393 -6.73 -4.99 7.52
C SER A 393 -6.61 -6.05 8.61
N PRO A 394 -7.49 -7.07 8.59
CA PRO A 394 -7.51 -8.15 9.58
C PRO A 394 -6.16 -8.84 9.69
N ALA A 395 -5.68 -9.03 10.92
CA ALA A 395 -4.39 -9.67 11.16
C ALA A 395 -4.32 -11.09 10.62
N ASP A 396 -5.46 -11.76 10.54
CA ASP A 396 -5.51 -13.12 10.02
C ASP A 396 -5.98 -13.14 8.56
N ARG A 397 -5.85 -12.01 7.89
CA ARG A 397 -6.25 -11.90 6.49
C ARG A 397 -5.22 -11.16 5.63
N THR A 398 -4.94 -9.91 5.99
CA THR A 398 -4.03 -9.10 5.19
C THR A 398 -2.69 -8.67 5.79
N TYR A 399 -2.30 -9.24 6.92
CA TYR A 399 -1.00 -8.94 7.51
C TYR A 399 -0.04 -9.80 6.71
N LEU A 400 0.72 -9.16 5.81
CA LEU A 400 1.64 -9.88 4.94
C LEU A 400 2.85 -10.50 5.62
N ASP A 401 3.05 -10.20 6.90
CA ASP A 401 4.16 -10.79 7.64
C ASP A 401 3.76 -12.12 8.26
N MET A 402 2.47 -12.46 8.16
CA MET A 402 2.01 -13.71 8.74
C MET A 402 2.39 -14.90 7.86
N LYS A 403 2.86 -15.96 8.50
CA LYS A 403 3.26 -17.19 7.81
C LYS A 403 2.13 -17.82 7.03
N TYR A 404 2.46 -18.45 5.90
CA TYR A 404 1.49 -19.13 5.06
C TYR A 404 1.11 -20.45 5.71
N THR A 405 2.12 -21.11 6.28
CA THR A 405 1.96 -22.39 6.96
C THR A 405 3.00 -22.48 8.07
N LYS A 406 2.93 -23.54 8.87
CA LYS A 406 3.88 -23.70 9.96
C LYS A 406 5.32 -23.83 9.47
N ASP A 407 5.50 -24.10 8.18
CA ASP A 407 6.85 -24.25 7.63
C ASP A 407 7.43 -23.02 6.93
N THR A 408 6.68 -21.93 6.87
CA THR A 408 7.17 -20.72 6.22
C THR A 408 8.43 -20.28 6.98
N PRO A 409 9.54 -20.06 6.26
CA PRO A 409 10.84 -19.65 6.83
C PRO A 409 10.96 -18.23 7.41
N LEU A 410 10.01 -17.37 7.09
CA LEU A 410 10.02 -15.99 7.59
C LEU A 410 8.63 -15.68 8.15
N GLY A 411 8.45 -14.48 8.69
CA GLY A 411 7.16 -14.10 9.22
C GLY A 411 6.81 -14.58 10.62
N LEU A 412 5.60 -14.24 11.06
CA LEU A 412 5.11 -14.60 12.39
C LEU A 412 3.89 -15.52 12.32
N SER A 413 3.46 -16.02 13.48
CA SER A 413 2.33 -16.95 13.50
C SER A 413 1.31 -16.70 14.61
N TRP A 414 1.43 -15.59 15.32
CA TRP A 414 0.50 -15.31 16.40
C TRP A 414 -0.96 -15.22 15.98
N ALA A 415 -1.21 -14.86 14.73
CA ALA A 415 -2.58 -14.75 14.23
C ALA A 415 -3.01 -16.02 13.51
N GLY A 416 -2.25 -17.09 13.69
CA GLY A 416 -2.56 -18.33 13.01
C GLY A 416 -1.85 -18.28 11.66
N TYR A 417 -2.15 -19.20 10.77
CA TYR A 417 -1.51 -19.20 9.45
C TYR A 417 -2.45 -18.61 8.42
N VAL A 418 -1.89 -17.96 7.42
CA VAL A 418 -2.72 -17.31 6.41
C VAL A 418 -2.30 -17.63 4.99
N GLU A 419 -2.95 -18.66 4.42
CA GLU A 419 -2.66 -19.06 3.05
C GLU A 419 -3.31 -18.07 2.08
N VAL A 420 -3.01 -18.23 0.80
CA VAL A 420 -3.52 -17.34 -0.23
C VAL A 420 -5.04 -17.22 -0.28
N GLN A 421 -5.75 -18.35 -0.22
CA GLN A 421 -7.20 -18.28 -0.28
C GLN A 421 -7.80 -17.51 0.90
N ARG A 422 -7.33 -17.80 2.11
CA ARG A 422 -7.86 -17.09 3.28
C ARG A 422 -7.67 -15.57 3.16
N SER A 423 -6.52 -15.15 2.67
CA SER A 423 -6.23 -13.73 2.51
C SER A 423 -7.17 -13.03 1.53
N TYR A 424 -7.61 -13.78 0.52
CA TYR A 424 -8.48 -13.23 -0.52
C TYR A 424 -9.98 -13.48 -0.33
N ASP A 425 -10.31 -14.65 0.19
CA ASP A 425 -11.70 -15.07 0.33
C ASP A 425 -12.63 -14.43 1.36
N TRP A 426 -12.89 -13.13 1.20
CA TRP A 426 -13.80 -12.42 2.08
C TRP A 426 -14.34 -11.16 1.40
N ASP A 427 -15.36 -10.55 2.01
CA ASP A 427 -16.01 -9.36 1.44
C ASP A 427 -15.99 -8.23 2.46
N PRO A 428 -15.23 -7.16 2.18
CA PRO A 428 -15.13 -6.00 3.08
C PRO A 428 -16.48 -5.46 3.54
N ALA A 429 -17.47 -5.49 2.64
CA ALA A 429 -18.80 -4.97 2.93
C ALA A 429 -19.58 -5.70 4.02
N GLY A 430 -19.33 -7.00 4.17
CA GLY A 430 -20.03 -7.76 5.19
C GLY A 430 -19.07 -8.47 6.11
N TYR A 431 -17.91 -7.86 6.33
CA TYR A 431 -16.88 -8.45 7.17
C TYR A 431 -17.10 -8.26 8.67
N LEU A 432 -17.23 -7.01 9.10
CA LEU A 432 -17.43 -6.71 10.52
C LEU A 432 -18.91 -6.70 10.87
N PRO A 433 -19.34 -7.65 11.72
CA PRO A 433 -20.74 -7.77 12.14
C PRO A 433 -21.32 -6.46 12.66
N GLY A 434 -22.49 -6.10 12.14
CA GLY A 434 -23.17 -4.88 12.59
C GLY A 434 -22.67 -3.56 12.04
N ALA A 435 -21.55 -3.58 11.32
CA ALA A 435 -21.00 -2.35 10.76
C ALA A 435 -21.65 -1.97 9.44
N PRO A 436 -22.08 -0.70 9.30
CA PRO A 436 -22.73 -0.20 8.08
C PRO A 436 -21.75 -0.32 6.91
N ALA A 437 -22.20 -0.89 5.80
CA ALA A 437 -21.35 -1.07 4.63
C ALA A 437 -20.76 0.23 4.11
N ASP A 438 -21.52 1.31 4.22
CA ASP A 438 -21.06 2.62 3.75
C ASP A 438 -19.97 3.23 4.62
N ALA A 439 -19.70 2.64 5.76
CA ALA A 439 -18.65 3.16 6.65
C ALA A 439 -17.29 2.57 6.26
N VAL A 440 -17.30 1.50 5.47
CA VAL A 440 -16.06 0.86 5.03
C VAL A 440 -15.42 1.72 3.94
N ARG A 441 -14.27 2.31 4.26
CA ARG A 441 -13.55 3.16 3.31
C ARG A 441 -12.70 2.32 2.36
N GLY A 442 -12.26 1.16 2.85
CA GLY A 442 -11.44 0.29 2.02
C GLY A 442 -10.63 -0.72 2.80
N VAL A 443 -9.51 -1.13 2.22
CA VAL A 443 -8.65 -2.13 2.83
C VAL A 443 -7.17 -1.76 2.79
N GLU A 444 -6.38 -2.47 3.57
CA GLU A 444 -4.93 -2.25 3.59
C GLU A 444 -4.22 -3.56 3.85
N ALA A 445 -3.04 -3.72 3.26
CA ALA A 445 -2.22 -4.92 3.45
C ALA A 445 -0.92 -4.45 4.10
N PRO A 446 -0.81 -4.61 5.43
CA PRO A 446 0.41 -4.17 6.12
C PRO A 446 1.51 -5.21 6.08
N LEU A 447 2.74 -4.76 5.89
CA LEU A 447 3.89 -5.67 5.88
C LEU A 447 4.82 -5.24 7.02
N TRP A 448 4.75 -5.99 8.12
CA TRP A 448 5.57 -5.73 9.29
C TRP A 448 6.95 -6.35 9.07
N THR A 449 7.99 -5.76 9.64
CA THR A 449 9.33 -6.27 9.37
C THR A 449 10.20 -6.81 10.49
N GLU A 450 9.60 -7.35 11.55
CA GLU A 450 10.41 -7.93 12.62
C GLU A 450 11.32 -9.02 12.06
N THR A 451 10.84 -9.76 11.06
CA THR A 451 11.60 -10.86 10.48
C THR A 451 12.19 -10.64 9.09
N LEU A 452 11.96 -9.47 8.51
CA LEU A 452 12.42 -9.17 7.16
C LEU A 452 13.47 -8.06 7.12
N SER A 453 14.65 -8.38 6.59
CA SER A 453 15.73 -7.41 6.56
C SER A 453 16.21 -6.98 5.16
N ASP A 454 15.71 -7.61 4.11
CA ASP A 454 16.12 -7.20 2.76
C ASP A 454 14.95 -7.22 1.78
N PRO A 455 15.07 -6.47 0.67
CA PRO A 455 14.03 -6.37 -0.35
C PRO A 455 13.47 -7.69 -0.87
N ASP A 456 14.32 -8.70 -1.03
CA ASP A 456 13.86 -9.99 -1.52
C ASP A 456 12.95 -10.69 -0.52
N GLN A 457 13.24 -10.53 0.78
CA GLN A 457 12.42 -11.15 1.81
C GLN A 457 11.07 -10.44 1.83
N LEU A 458 11.07 -9.14 1.58
CA LEU A 458 9.81 -8.40 1.55
C LEU A 458 8.94 -8.99 0.43
N ASP A 459 9.54 -9.24 -0.73
CA ASP A 459 8.80 -9.80 -1.85
C ASP A 459 8.19 -11.17 -1.54
N TYR A 460 8.97 -12.05 -0.93
CA TYR A 460 8.50 -13.40 -0.61
C TYR A 460 7.27 -13.42 0.30
N MET A 461 7.17 -12.45 1.20
CA MET A 461 6.05 -12.38 2.11
C MET A 461 4.90 -11.54 1.53
N ALA A 462 5.24 -10.58 0.67
CA ALA A 462 4.22 -9.73 0.05
C ALA A 462 3.49 -10.46 -1.08
N PHE A 463 4.23 -11.27 -1.83
CA PHE A 463 3.65 -12.01 -2.95
C PHE A 463 3.48 -13.49 -2.58
N PRO A 464 2.40 -14.13 -3.04
CA PRO A 464 1.31 -13.64 -3.90
C PRO A 464 0.05 -13.04 -3.28
N ARG A 465 0.05 -12.73 -1.99
CA ARG A 465 -1.15 -12.18 -1.35
C ARG A 465 -1.43 -10.71 -1.65
N LEU A 466 -0.39 -9.94 -1.98
CA LEU A 466 -0.54 -8.52 -2.27
C LEU A 466 -1.58 -8.19 -3.34
N PRO A 467 -1.54 -8.87 -4.50
CA PRO A 467 -2.53 -8.59 -5.55
C PRO A 467 -3.96 -8.84 -5.08
N GLY A 468 -4.12 -9.86 -4.23
CA GLY A 468 -5.43 -10.21 -3.72
C GLY A 468 -6.10 -9.11 -2.91
N VAL A 469 -5.34 -8.47 -2.03
CA VAL A 469 -5.90 -7.41 -1.20
C VAL A 469 -6.25 -6.20 -2.09
N ALA A 470 -5.46 -5.99 -3.14
CA ALA A 470 -5.70 -4.89 -4.06
C ALA A 470 -7.04 -5.15 -4.76
N GLU A 471 -7.32 -6.41 -5.12
CA GLU A 471 -8.57 -6.73 -5.77
C GLU A 471 -9.75 -6.45 -4.85
N LEU A 472 -9.60 -6.82 -3.58
CA LEU A 472 -10.67 -6.59 -2.62
C LEU A 472 -10.98 -5.09 -2.55
N GLY A 473 -9.95 -4.27 -2.67
CA GLY A 473 -10.19 -2.83 -2.63
C GLY A 473 -10.73 -2.26 -3.91
N TRP A 474 -10.39 -2.87 -5.05
CA TRP A 474 -10.80 -2.36 -6.36
C TRP A 474 -11.99 -2.99 -7.07
N SER A 475 -11.98 -4.31 -7.19
CA SER A 475 -13.01 -5.03 -7.93
C SER A 475 -14.42 -5.07 -7.36
N PRO A 476 -15.42 -5.23 -8.25
CA PRO A 476 -16.82 -5.29 -7.83
C PRO A 476 -17.01 -6.61 -7.08
N ALA A 477 -17.86 -6.59 -6.05
CA ALA A 477 -18.11 -7.80 -5.28
C ALA A 477 -18.58 -8.93 -6.21
N SER A 478 -19.27 -8.57 -7.27
CA SER A 478 -19.79 -9.57 -8.21
C SER A 478 -18.70 -10.37 -8.91
N THR A 479 -17.48 -9.82 -8.98
CA THR A 479 -16.38 -10.52 -9.64
C THR A 479 -15.57 -11.40 -8.69
N HIS A 480 -15.85 -11.28 -7.39
CA HIS A 480 -15.13 -12.05 -6.38
C HIS A 480 -15.47 -13.55 -6.39
N ASP A 481 -14.43 -14.36 -6.59
CA ASP A 481 -14.58 -15.82 -6.64
C ASP A 481 -13.20 -16.46 -6.63
N TRP A 482 -12.92 -17.25 -5.60
CA TRP A 482 -11.61 -17.88 -5.48
C TRP A 482 -11.23 -18.79 -6.65
N ASP A 483 -12.14 -19.68 -7.04
CA ASP A 483 -11.83 -20.62 -8.12
C ASP A 483 -11.39 -19.96 -9.43
N THR A 484 -11.99 -18.83 -9.77
CA THR A 484 -11.60 -18.15 -11.00
C THR A 484 -10.46 -17.17 -10.75
N TYR A 485 -10.41 -16.62 -9.53
CA TYR A 485 -9.34 -15.69 -9.19
C TYR A 485 -7.99 -16.39 -9.19
N LYS A 486 -7.95 -17.58 -8.60
CA LYS A 486 -6.70 -18.34 -8.54
C LYS A 486 -6.08 -18.59 -9.91
N VAL A 487 -6.91 -18.58 -10.95
CA VAL A 487 -6.41 -18.79 -12.31
C VAL A 487 -5.71 -17.51 -12.75
N ARG A 488 -6.30 -16.37 -12.42
CA ARG A 488 -5.71 -15.09 -12.77
C ARG A 488 -4.43 -14.87 -11.97
N LEU A 489 -4.40 -15.38 -10.73
CA LEU A 489 -3.21 -15.24 -9.89
C LEU A 489 -2.10 -16.17 -10.40
N ALA A 490 -2.48 -17.38 -10.80
CA ALA A 490 -1.52 -18.36 -11.31
C ALA A 490 -0.80 -17.80 -12.54
N ALA A 491 -1.52 -16.99 -13.31
CA ALA A 491 -0.99 -16.39 -14.53
C ALA A 491 0.16 -15.41 -14.28
N GLN A 492 0.26 -14.88 -13.07
CA GLN A 492 1.32 -13.92 -12.74
C GLN A 492 2.70 -14.56 -12.60
N ALA A 493 2.74 -15.87 -12.40
CA ALA A 493 4.00 -16.59 -12.20
C ALA A 493 5.11 -16.23 -13.20
N PRO A 494 4.88 -16.39 -14.50
CA PRO A 494 5.94 -16.05 -15.45
C PRO A 494 6.34 -14.57 -15.43
N TYR A 495 5.43 -13.70 -15.04
CA TYR A 495 5.73 -12.28 -14.98
C TYR A 495 6.69 -12.01 -13.81
N TRP A 496 6.36 -12.55 -12.64
CA TRP A 496 7.20 -12.35 -11.48
C TRP A 496 8.57 -12.98 -11.68
N GLU A 497 8.60 -14.15 -12.30
CA GLU A 497 9.87 -14.82 -12.57
C GLU A 497 10.75 -13.95 -13.46
N ALA A 498 10.17 -13.41 -14.53
CA ALA A 498 10.91 -12.56 -15.46
C ALA A 498 11.34 -11.24 -14.81
N ALA A 499 10.52 -10.74 -13.88
CA ALA A 499 10.82 -9.48 -13.20
C ALA A 499 11.75 -9.66 -12.00
N GLY A 500 12.02 -10.91 -11.64
CA GLY A 500 12.89 -11.16 -10.52
C GLY A 500 12.20 -10.95 -9.19
N ILE A 501 10.90 -11.19 -9.15
CA ILE A 501 10.11 -11.03 -7.93
C ILE A 501 9.88 -12.39 -7.28
N ASP A 502 10.52 -12.62 -6.15
CA ASP A 502 10.34 -13.89 -5.48
C ASP A 502 8.94 -13.91 -4.86
N PHE A 503 8.33 -15.08 -4.83
CA PHE A 503 7.00 -15.22 -4.27
C PHE A 503 6.82 -16.64 -3.77
N TYR A 504 5.87 -16.81 -2.87
CA TYR A 504 5.56 -18.12 -2.30
C TYR A 504 4.68 -18.89 -3.28
N ARG A 505 5.19 -20.02 -3.77
CA ARG A 505 4.43 -20.83 -4.71
C ARG A 505 3.42 -21.68 -3.96
N SER A 506 2.36 -21.04 -3.49
CA SER A 506 1.32 -21.73 -2.75
C SER A 506 0.72 -22.91 -3.51
N PRO A 507 0.52 -24.03 -2.82
CA PRO A 507 -0.05 -25.22 -3.46
C PRO A 507 -1.52 -25.03 -3.80
N GLN A 508 -2.12 -23.96 -3.28
CA GLN A 508 -3.54 -23.67 -3.54
C GLN A 508 -3.73 -23.01 -4.90
N VAL A 509 -2.63 -22.56 -5.49
CA VAL A 509 -2.67 -21.87 -6.77
C VAL A 509 -2.04 -22.71 -7.88
N PRO A 510 -2.77 -22.92 -9.00
CA PRO A 510 -2.32 -23.70 -10.15
C PRO A 510 -1.36 -22.92 -11.07
N TRP A 511 -0.22 -22.54 -10.51
CA TRP A 511 0.79 -21.75 -11.21
C TRP A 511 1.06 -22.08 -12.68
N THR A 512 1.10 -21.03 -13.50
CA THR A 512 1.36 -21.16 -14.93
C THR A 512 2.87 -21.16 -15.12
C1 NAG B . 1.01 -6.39 16.09
C1 NAG B . 0.74 -6.48 15.51
C2 NAG B . 1.36 -4.90 16.01
C2 NAG B . 1.48 -5.21 15.95
C3 NAG B . 2.75 -4.68 15.42
C3 NAG B . 2.66 -4.86 15.03
C4 NAG B . 3.45 -5.99 15.08
C4 NAG B . 3.53 -6.10 14.74
C5 NAG B . 2.54 -6.92 14.26
C5 NAG B . 2.63 -7.24 14.25
C6 NAG B . 3.09 -8.33 14.14
C6 NAG B . 3.40 -8.51 13.95
C7 NAG B . -0.08 -3.01 15.57
C7 NAG B . -0.19 -3.77 14.98
C8 NAG B . -1.38 -2.53 14.95
C8 NAG B . -1.05 -2.52 15.10
N2 NAG B . 0.36 -4.22 15.20
N2 NAG B . 0.56 -4.08 16.03
O1 NAG B . 1.82 -7.03 17.03
O1 NAG B . -0.13 -6.88 16.51
O3 NAG B . 3.55 -3.93 16.33
O3 NAG B . 3.46 -3.85 15.62
O4 NAG B . 4.63 -5.73 14.34
O4 NAG B . 4.50 -5.79 13.75
O5 NAG B . 1.20 -7.03 14.81
O5 NAG B . 1.67 -7.56 15.27
O6 NAG B . 2.38 -9.08 13.15
O6 NAG B . 2.59 -9.43 13.24
O7 NAG B . 0.52 -2.30 16.37
O7 NAG B . -0.23 -4.44 13.94
CL CL C . 12.67 -8.67 24.47
CL CL D . 8.03 -3.83 -9.80
CL CL E . 5.13 -9.58 22.23
S SO4 F . -20.32 -1.80 -1.42
O1 SO4 F . -20.51 -1.18 -0.10
O2 SO4 F . -20.58 -3.25 -1.33
O3 SO4 F . -21.25 -1.18 -2.39
O4 SO4 F . -18.93 -1.58 -1.88
C1 GOL G . -6.47 -7.07 17.81
O1 GOL G . -6.74 -5.89 18.56
C2 GOL G . -6.19 -8.27 18.73
O2 GOL G . -6.75 -8.08 20.03
C3 GOL G . -4.69 -8.55 18.81
O3 GOL G . -4.44 -9.88 19.26
C1 GOL H . -8.78 -19.52 13.87
O1 GOL H . -9.59 -18.42 13.47
C2 GOL H . -7.35 -19.08 14.25
O2 GOL H . -7.38 -18.26 15.43
C3 GOL H . -6.66 -18.36 13.08
O3 GOL H . -6.43 -19.25 11.99
#